data_5MXE
#
_entry.id   5MXE
#
_cell.length_a   81.235
_cell.length_b   81.235
_cell.length_c   113.441
_cell.angle_alpha   90.00
_cell.angle_beta   90.00
_cell.angle_gamma   120.00
#
_symmetry.space_group_name_H-M   'P 31 2 1'
#
loop_
_entity.id
_entity.type
_entity.pdbx_description
1 polymer 'Photorhabdus asymbiotica lectin PHL'
2 non-polymer 'SODIUM ION'
3 non-polymer 'CHLORIDE ION'
4 water water
#
_entity_poly.entity_id   1
_entity_poly.type   'polypeptide(L)'
_entity_poly.pdbx_seq_one_letter_code
;MQPINTSNPDNTASYVKDEVEITSSTIALSEIVSVVNTSDGRLEVFGVGTDKAVWHNRQMAPHTGSPWSGWSSLKGQVTS
KPVVYINTDGRLEVFARGTDNALWHIWQTATNAGWSNWQSLGGVITSNPAIYANTDGRLEVFARGADNALWHISQTTAHS
GPWSSWASLNGVITSNPTVHINSDGRLEVFARGTDNALWHIWQTAPDSNLWSSWESLNGIITSDPVVIDTADGRLEVFAR
GADNALWHIWQTISHSGPWSGWQSLNGVITSAPAVAKNCDNRLEAFARGTDNALWHTWQTVSHSGPWSSWQSLNGVITSA
PTAVRDADGRLEVFARGTDNALWLTWQTASSWSPWISLGGVLIDASAIK
;
_entity_poly.pdbx_strand_id   A
#
# COMPACT_ATOMS: atom_id res chain seq x y z
N SER A 25 19.93 3.46 -1.90
CA SER A 25 19.79 4.31 -0.69
C SER A 25 18.67 5.39 -0.76
N THR A 26 17.98 5.55 -1.88
CA THR A 26 16.72 6.35 -1.93
C THR A 26 15.65 5.60 -2.73
N ILE A 27 14.43 6.10 -2.63
CA ILE A 27 13.28 5.61 -3.38
C ILE A 27 12.46 6.78 -3.93
N ALA A 28 11.73 6.55 -5.01
CA ALA A 28 10.80 7.51 -5.55
C ALA A 28 9.89 8.03 -4.45
N LEU A 29 9.43 9.26 -4.60
CA LEU A 29 8.54 9.90 -3.63
C LEU A 29 7.34 9.01 -3.28
N SER A 30 7.08 8.83 -1.99
CA SER A 30 6.07 7.87 -1.53
C SER A 30 4.64 8.36 -1.60
N GLU A 31 3.73 7.39 -1.54
CA GLU A 31 2.34 7.66 -1.22
C GLU A 31 2.36 8.15 0.20
N ILE A 32 1.48 9.10 0.53
CA ILE A 32 1.51 9.65 1.90
C ILE A 32 0.25 9.47 2.71
N VAL A 33 -0.73 8.78 2.14
CA VAL A 33 -1.87 8.35 2.92
C VAL A 33 -2.05 6.86 2.69
N SER A 34 -2.73 6.22 3.63
CA SER A 34 -3.19 4.83 3.54
C SER A 34 -4.70 4.93 3.44
N VAL A 35 -5.30 4.25 2.47
CA VAL A 35 -6.74 4.34 2.23
C VAL A 35 -7.37 2.96 2.11
N VAL A 36 -8.57 2.78 2.65
CA VAL A 36 -9.33 1.57 2.41
C VAL A 36 -10.79 1.85 2.14
N ASN A 37 -11.40 0.90 1.46
CA ASN A 37 -12.85 0.83 1.31
C ASN A 37 -13.34 -0.04 2.47
N THR A 38 -14.07 0.54 3.40
CA THR A 38 -14.37 -0.12 4.68
C THR A 38 -15.56 -1.08 4.59
N SER A 39 -15.89 -1.74 5.71
CA SER A 39 -16.94 -2.75 5.73
C SER A 39 -18.34 -2.22 5.43
N ASP A 40 -18.54 -0.92 5.59
CA ASP A 40 -19.80 -0.26 5.23
C ASP A 40 -19.69 0.59 3.94
N GLY A 41 -18.68 0.31 3.12
CA GLY A 41 -18.57 0.87 1.79
C GLY A 41 -18.11 2.30 1.71
N ARG A 42 -17.55 2.84 2.79
CA ARG A 42 -17.05 4.21 2.80
C ARG A 42 -15.55 4.20 2.73
N LEU A 43 -14.96 5.07 1.90
CA LEU A 43 -13.52 5.27 1.91
C LEU A 43 -13.10 5.94 3.21
N GLU A 44 -11.93 5.56 3.70
CA GLU A 44 -11.34 6.16 4.87
C GLU A 44 -9.84 6.26 4.66
N VAL A 45 -9.30 7.45 4.94
CA VAL A 45 -7.97 7.85 4.56
C VAL A 45 -7.18 8.18 5.82
N PHE A 46 -5.93 7.75 5.89
CA PHE A 46 -5.07 8.01 7.05
C PHE A 46 -3.78 8.66 6.63
N GLY A 47 -3.43 9.76 7.29
CA GLY A 47 -2.18 10.45 7.03
C GLY A 47 -1.52 10.98 8.29
N VAL A 48 -0.43 11.71 8.12
CA VAL A 48 0.35 12.25 9.23
C VAL A 48 0.45 13.77 9.09
N GLY A 49 0.17 14.48 10.19
CA GLY A 49 0.28 15.92 10.24
C GLY A 49 1.67 16.38 10.64
N THR A 50 1.88 17.69 10.66
CA THR A 50 3.24 18.24 10.88
C THR A 50 3.80 17.92 12.27
N ASP A 51 2.95 17.75 13.28
CA ASP A 51 3.40 17.34 14.62
C ASP A 51 3.36 15.82 14.89
N LYS A 52 3.36 15.03 13.81
CA LYS A 52 3.56 13.56 13.85
C LYS A 52 2.37 12.74 14.36
N ALA A 53 1.20 13.36 14.58
CA ALA A 53 -0.01 12.60 14.89
C ALA A 53 -0.60 12.00 13.62
N VAL A 54 -1.36 10.91 13.79
CA VAL A 54 -2.10 10.30 12.69
C VAL A 54 -3.48 10.95 12.64
N TRP A 55 -3.87 11.37 11.44
CA TRP A 55 -5.19 11.93 11.20
C TRP A 55 -5.93 11.05 10.22
N HIS A 56 -7.25 11.06 10.34
CA HIS A 56 -8.08 10.34 9.40
C HIS A 56 -9.32 11.12 8.97
N ASN A 57 -9.84 10.69 7.83
CA ASN A 57 -10.92 11.36 7.16
C ASN A 57 -11.73 10.28 6.49
N ARG A 58 -13.06 10.39 6.55
CA ARG A 58 -13.91 9.37 5.97
C ARG A 58 -15.14 9.93 5.27
N GLN A 59 -15.61 9.16 4.29
CA GLN A 59 -16.81 9.51 3.56
C GLN A 59 -17.99 9.33 4.49
N MET A 60 -18.96 10.23 4.41
CA MET A 60 -20.22 10.05 5.13
C MET A 60 -21.06 8.94 4.55
N ALA A 61 -21.03 8.80 3.22
CA ALA A 61 -21.95 7.94 2.48
C ALA A 61 -21.16 7.06 1.52
N PRO A 62 -21.70 5.86 1.20
CA PRO A 62 -20.96 4.87 0.43
C PRO A 62 -21.03 5.09 -1.09
N HIS A 63 -20.64 6.28 -1.53
CA HIS A 63 -20.78 6.67 -2.94
C HIS A 63 -19.69 7.63 -3.38
N THR A 64 -19.40 7.58 -4.67
CA THR A 64 -18.45 8.48 -5.29
C THR A 64 -18.96 9.88 -5.05
N GLY A 65 -18.11 10.76 -4.56
CA GLY A 65 -18.50 12.15 -4.35
C GLY A 65 -19.19 12.48 -3.04
N SER A 66 -19.26 11.50 -2.14
CA SER A 66 -19.82 11.71 -0.79
C SER A 66 -19.15 12.87 -0.07
N PRO A 67 -19.89 13.59 0.77
CA PRO A 67 -19.19 14.50 1.66
C PRO A 67 -18.24 13.73 2.57
N TRP A 68 -17.21 14.43 3.06
CA TRP A 68 -16.20 13.86 3.93
C TRP A 68 -16.36 14.41 5.33
N SER A 69 -15.86 13.63 6.30
CA SER A 69 -15.88 14.00 7.71
C SER A 69 -15.06 15.25 7.95
N GLY A 70 -13.94 15.37 7.24
CA GLY A 70 -12.87 16.25 7.62
C GLY A 70 -11.88 15.48 8.49
N TRP A 71 -10.72 16.07 8.69
CA TRP A 71 -9.64 15.43 9.41
C TRP A 71 -9.87 15.44 10.92
N SER A 72 -9.68 14.28 11.53
CA SER A 72 -9.83 14.04 12.97
C SER A 72 -8.53 13.37 13.42
N SER A 73 -8.01 13.79 14.57
CA SER A 73 -6.73 13.25 15.04
C SER A 73 -6.91 11.98 15.84
N LEU A 74 -6.15 10.95 15.48
CA LEU A 74 -5.99 9.74 16.31
C LEU A 74 -4.79 9.85 17.25
N LYS A 75 -4.22 11.06 17.35
CA LYS A 75 -3.06 11.32 18.17
C LYS A 75 -1.90 10.37 17.78
N GLY A 76 -1.15 9.85 18.75
CA GLY A 76 0.07 9.12 18.47
C GLY A 76 1.18 10.06 18.06
N GLN A 77 2.37 9.50 17.95
CA GLN A 77 3.55 10.19 17.47
C GLN A 77 4.31 9.21 16.61
N VAL A 78 4.22 9.36 15.29
CA VAL A 78 4.70 8.34 14.38
C VAL A 78 5.91 8.79 13.60
N THR A 79 6.74 7.81 13.25
CA THR A 79 7.93 8.00 12.45
C THR A 79 7.95 7.04 11.27
N SER A 80 6.76 6.59 10.84
CA SER A 80 6.59 5.88 9.57
C SER A 80 5.27 6.34 8.97
N LYS A 81 5.06 6.00 7.71
CA LYS A 81 3.74 6.00 7.13
C LYS A 81 2.83 5.15 8.04
N PRO A 82 1.65 5.68 8.39
CA PRO A 82 0.67 4.87 9.09
C PRO A 82 -0.09 4.04 8.08
N VAL A 83 -0.25 2.75 8.36
CA VAL A 83 -0.88 1.83 7.42
C VAL A 83 -2.08 1.19 8.05
N VAL A 84 -3.24 1.41 7.44
CA VAL A 84 -4.47 0.81 7.91
C VAL A 84 -4.70 -0.55 7.27
N TYR A 85 -5.29 -1.46 8.02
CA TYR A 85 -5.68 -2.74 7.48
C TYR A 85 -7.01 -3.14 8.12
N ILE A 86 -7.83 -3.85 7.37
CA ILE A 86 -9.13 -4.28 7.88
C ILE A 86 -9.03 -5.71 8.40
N ASN A 87 -9.27 -5.90 9.70
CA ASN A 87 -9.38 -7.24 10.26
C ASN A 87 -10.51 -8.02 9.61
N THR A 88 -10.47 -9.35 9.73
CA THR A 88 -11.49 -10.20 9.10
C THR A 88 -12.87 -10.07 9.78
N ASP A 89 -12.94 -9.41 10.93
CA ASP A 89 -14.24 -9.01 11.53
C ASP A 89 -14.68 -7.58 11.16
N GLY A 90 -14.02 -6.98 10.18
CA GLY A 90 -14.37 -5.63 9.69
C GLY A 90 -13.75 -4.46 10.44
N ARG A 91 -13.06 -4.69 11.56
CA ARG A 91 -12.52 -3.58 12.35
C ARG A 91 -11.21 -3.09 11.76
N LEU A 92 -11.08 -1.77 11.61
CA LEU A 92 -9.84 -1.15 11.13
C LEU A 92 -8.78 -1.18 12.20
N GLU A 93 -7.54 -1.31 11.76
CA GLU A 93 -6.41 -1.30 12.65
C GLU A 93 -5.26 -0.59 11.93
N VAL A 94 -4.65 0.37 12.61
CA VAL A 94 -3.59 1.21 12.03
C VAL A 94 -2.28 0.85 12.70
N PHE A 95 -1.26 0.65 11.88
CA PHE A 95 0.08 0.30 12.34
C PHE A 95 1.06 1.38 11.95
N ALA A 96 1.98 1.70 12.85
CA ALA A 96 2.99 2.72 12.55
C ALA A 96 4.17 2.56 13.49
N ARG A 97 5.34 2.95 13.03
CA ARG A 97 6.51 3.03 13.90
C ARG A 97 6.34 4.25 14.81
N GLY A 98 6.69 4.07 16.08
CA GLY A 98 6.63 5.17 17.06
C GLY A 98 7.98 5.87 17.12
N THR A 99 8.04 6.92 17.93
CA THR A 99 9.27 7.68 18.14
C THR A 99 10.35 6.84 18.80
N ASP A 100 9.96 5.84 19.58
CA ASP A 100 10.91 4.87 20.17
C ASP A 100 11.35 3.75 19.19
N ASN A 101 10.97 3.84 17.92
CA ASN A 101 11.21 2.81 16.90
C ASN A 101 10.53 1.46 17.10
N ALA A 102 9.61 1.36 18.06
CA ALA A 102 8.78 0.17 18.18
C ALA A 102 7.63 0.25 17.15
N LEU A 103 7.07 -0.90 16.85
CA LEU A 103 5.83 -0.99 16.11
C LEU A 103 4.71 -0.67 17.09
N TRP A 104 3.89 0.30 16.76
CA TRP A 104 2.71 0.63 17.54
C TRP A 104 1.46 0.37 16.71
N HIS A 105 0.33 0.24 17.40
CA HIS A 105 -0.95 0.12 16.71
C HIS A 105 -2.13 0.62 17.52
N ILE A 106 -3.23 0.82 16.81
CA ILE A 106 -4.46 1.35 17.34
C ILE A 106 -5.59 0.74 16.49
N TRP A 107 -6.70 0.39 17.12
CA TRP A 107 -7.76 -0.33 16.43
C TRP A 107 -9.11 0.12 16.86
N GLN A 108 -10.08 -0.08 15.96
CA GLN A 108 -11.47 0.14 16.30
C GLN A 108 -11.93 -0.93 17.27
N THR A 109 -12.71 -0.51 18.28
CA THR A 109 -13.35 -1.42 19.22
C THR A 109 -14.55 -2.15 18.57
N ALA A 110 -15.14 -1.53 17.54
CA ALA A 110 -16.18 -2.14 16.71
C ALA A 110 -16.18 -1.40 15.39
N THR A 111 -16.68 -2.01 14.31
CA THR A 111 -16.53 -1.42 12.95
C THR A 111 -17.11 0.01 12.84
N ASN A 112 -18.18 0.25 13.58
CA ASN A 112 -18.88 1.55 13.57
C ASN A 112 -18.72 2.31 14.88
N ALA A 113 -17.54 2.20 15.50
CA ALA A 113 -17.32 2.79 16.81
C ALA A 113 -15.95 3.47 16.85
N GLY A 114 -15.49 3.74 18.07
CA GLY A 114 -14.28 4.47 18.31
C GLY A 114 -13.06 3.59 18.34
N TRP A 115 -11.97 4.17 18.81
CA TRP A 115 -10.67 3.56 18.71
C TRP A 115 -10.13 3.27 20.08
N SER A 116 -9.31 2.22 20.17
CA SER A 116 -8.47 1.97 21.33
C SER A 116 -7.48 3.11 21.50
N ASN A 117 -6.68 3.05 22.56
CA ASN A 117 -5.46 3.85 22.63
C ASN A 117 -4.36 3.21 21.78
N TRP A 118 -3.37 4.02 21.44
CA TRP A 118 -2.12 3.49 20.85
C TRP A 118 -1.49 2.52 21.85
N GLN A 119 -1.10 1.34 21.37
CA GLN A 119 -0.37 0.36 22.18
C GLN A 119 0.85 -0.10 21.41
N SER A 120 1.91 -0.43 22.16
CA SER A 120 3.17 -0.84 21.55
C SER A 120 3.22 -2.36 21.38
N LEU A 121 3.70 -2.79 20.21
CA LEU A 121 4.06 -4.18 19.93
C LEU A 121 5.57 -4.38 19.99
N GLY A 122 6.29 -3.41 20.58
CA GLY A 122 7.73 -3.54 20.78
C GLY A 122 8.48 -3.67 19.47
N GLY A 123 9.61 -4.37 19.55
CA GLY A 123 10.56 -4.46 18.45
C GLY A 123 11.28 -3.13 18.18
N VAL A 124 12.24 -3.20 17.26
CA VAL A 124 12.90 -2.02 16.70
C VAL A 124 12.83 -2.16 15.20
N ILE A 125 12.17 -1.22 14.52
CA ILE A 125 11.96 -1.34 13.10
C ILE A 125 12.49 -0.13 12.35
N THR A 126 12.76 -0.33 11.08
CA THR A 126 13.40 0.67 10.21
C THR A 126 12.73 0.80 8.84
N SER A 127 11.46 0.38 8.75
CA SER A 127 10.63 0.58 7.57
C SER A 127 9.20 0.84 8.02
N ASN A 128 8.38 1.25 7.07
CA ASN A 128 6.94 1.22 7.26
C ASN A 128 6.50 -0.24 7.51
N PRO A 129 5.47 -0.46 8.33
CA PRO A 129 4.94 -1.82 8.47
C PRO A 129 4.12 -2.24 7.27
N ALA A 130 4.13 -3.54 6.96
CA ALA A 130 3.31 -4.10 5.89
C ALA A 130 2.47 -5.19 6.51
N ILE A 131 1.16 -5.18 6.21
CA ILE A 131 0.20 -6.03 6.89
C ILE A 131 -0.63 -6.88 5.93
N TYR A 132 -0.92 -8.11 6.35
CA TYR A 132 -1.93 -8.94 5.69
C TYR A 132 -2.58 -9.89 6.69
N ALA A 133 -3.82 -10.28 6.40
CA ALA A 133 -4.48 -11.32 7.19
C ALA A 133 -4.17 -12.67 6.59
N ASN A 134 -3.73 -13.59 7.45
CA ASN A 134 -3.65 -14.99 7.06
C ASN A 134 -5.07 -15.53 6.86
N THR A 135 -5.17 -16.68 6.21
CA THR A 135 -6.48 -17.29 5.89
C THR A 135 -7.25 -17.66 7.16
N ASP A 136 -6.55 -17.78 8.28
CA ASP A 136 -7.16 -18.06 9.59
C ASP A 136 -7.52 -16.80 10.37
N GLY A 137 -7.50 -15.63 9.72
CA GLY A 137 -7.93 -14.37 10.32
C GLY A 137 -6.90 -13.66 11.18
N ARG A 138 -5.71 -14.24 11.34
CA ARG A 138 -4.64 -13.61 12.13
C ARG A 138 -3.85 -12.66 11.24
N LEU A 139 -3.85 -11.38 11.62
CA LEU A 139 -2.98 -10.39 10.98
C LEU A 139 -1.52 -10.74 11.25
N GLU A 140 -0.70 -10.47 10.25
CA GLU A 140 0.75 -10.64 10.34
C GLU A 140 1.40 -9.39 9.76
N VAL A 141 2.38 -8.88 10.49
CA VAL A 141 2.99 -7.60 10.20
C VAL A 141 4.44 -7.85 9.92
N PHE A 142 4.93 -7.19 8.86
CA PHE A 142 6.29 -7.34 8.36
C PHE A 142 6.94 -5.97 8.39
N ALA A 143 8.17 -5.92 8.89
CA ALA A 143 8.89 -4.66 8.93
C ALA A 143 10.37 -4.94 8.95
N ARG A 144 11.12 -4.03 8.35
CA ARG A 144 12.57 -4.12 8.35
C ARG A 144 13.07 -3.84 9.75
N GLY A 145 14.15 -4.50 10.11
CA GLY A 145 14.80 -4.30 11.41
C GLY A 145 16.06 -3.45 11.31
N ALA A 146 16.70 -3.23 12.46
CA ALA A 146 17.97 -2.50 12.52
C ALA A 146 19.08 -3.20 11.73
N ASP A 147 18.96 -4.52 11.58
CA ASP A 147 19.90 -5.29 10.76
C ASP A 147 19.58 -5.28 9.26
N ASN A 148 18.54 -4.54 8.86
CA ASN A 148 18.04 -4.53 7.48
C ASN A 148 17.49 -5.85 6.93
N ALA A 149 17.26 -6.81 7.82
CA ALA A 149 16.48 -8.01 7.53
C ALA A 149 15.00 -7.68 7.67
N LEU A 150 14.17 -8.59 7.16
CA LEU A 150 12.73 -8.50 7.32
C LEU A 150 12.32 -9.26 8.57
N TRP A 151 11.65 -8.58 9.49
CA TRP A 151 11.10 -9.23 10.69
C TRP A 151 9.58 -9.28 10.60
N HIS A 152 8.99 -10.15 11.41
CA HIS A 152 7.54 -10.28 11.43
C HIS A 152 7.00 -10.66 12.80
N ILE A 153 5.73 -10.36 12.99
CA ILE A 153 5.02 -10.62 14.22
C ILE A 153 3.54 -10.84 13.83
N SER A 154 2.81 -11.65 14.59
CA SER A 154 1.40 -11.93 14.25
C SER A 154 0.47 -11.99 15.46
N GLN A 155 -0.81 -11.75 15.20
CA GLN A 155 -1.85 -12.05 16.17
C GLN A 155 -1.83 -13.54 16.44
N THR A 156 -2.08 -13.94 17.69
CA THR A 156 -2.06 -15.36 18.07
C THR A 156 -3.41 -16.00 17.84
N THR A 157 -4.45 -15.18 17.67
CA THR A 157 -5.81 -15.66 17.45
C THR A 157 -6.45 -14.73 16.43
N ALA A 158 -7.53 -15.16 15.75
CA ALA A 158 -8.12 -14.35 14.68
C ALA A 158 -8.55 -12.95 15.17
N HIS A 159 -8.17 -11.92 14.41
CA HIS A 159 -8.57 -10.53 14.63
C HIS A 159 -8.49 -10.11 16.09
N SER A 160 -7.41 -10.49 16.76
CA SER A 160 -7.26 -10.12 18.16
C SER A 160 -5.85 -10.34 18.67
N GLY A 161 -5.49 -9.55 19.68
CA GLY A 161 -4.33 -9.84 20.50
C GLY A 161 -4.61 -11.03 21.39
N PRO A 162 -3.60 -11.53 22.09
CA PRO A 162 -2.24 -10.99 22.09
C PRO A 162 -1.45 -11.39 20.86
N TRP A 163 -0.28 -10.77 20.69
CA TRP A 163 0.55 -11.02 19.55
C TRP A 163 1.70 -11.95 19.90
N SER A 164 2.25 -12.58 18.87
CA SER A 164 3.41 -13.47 18.99
C SER A 164 4.66 -12.69 19.35
N SER A 165 5.78 -13.39 19.55
N SER A 165 5.77 -13.40 19.55
CA SER A 165 7.08 -12.72 19.63
CA SER A 165 7.09 -12.78 19.62
C SER A 165 7.51 -12.34 18.22
C SER A 165 7.51 -12.33 18.22
N TRP A 166 8.42 -11.38 18.16
CA TRP A 166 9.04 -10.97 16.92
C TRP A 166 10.03 -12.07 16.50
N ALA A 167 10.20 -12.26 15.21
CA ALA A 167 11.23 -13.14 14.67
C ALA A 167 11.65 -12.60 13.31
N SER A 168 12.75 -13.12 12.76
CA SER A 168 13.28 -12.64 11.48
C SER A 168 13.08 -13.64 10.36
N LEU A 169 12.82 -13.10 9.16
CA LEU A 169 12.83 -13.84 7.92
C LEU A 169 14.07 -13.51 7.10
N ASN A 170 15.08 -12.89 7.73
CA ASN A 170 16.39 -12.65 7.11
C ASN A 170 16.26 -11.74 5.89
N GLY A 171 17.17 -11.87 4.91
CA GLY A 171 17.23 -10.97 3.79
C GLY A 171 17.95 -9.69 4.16
N VAL A 172 18.19 -8.86 3.15
CA VAL A 172 18.80 -7.55 3.33
C VAL A 172 18.03 -6.64 2.40
N ILE A 173 17.25 -5.72 2.97
CA ILE A 173 16.33 -4.95 2.13
C ILE A 173 16.54 -3.45 2.23
N THR A 174 16.22 -2.77 1.11
CA THR A 174 16.52 -1.36 0.90
C THR A 174 15.31 -0.55 0.47
N SER A 175 14.12 -1.12 0.65
CA SER A 175 12.87 -0.42 0.39
C SER A 175 11.90 -0.86 1.46
N ASN A 176 10.79 -0.15 1.56
CA ASN A 176 9.70 -0.65 2.35
C ASN A 176 9.22 -1.98 1.75
N PRO A 177 8.93 -2.95 2.61
CA PRO A 177 8.38 -4.21 2.12
C PRO A 177 6.89 -4.09 1.84
N THR A 178 6.39 -4.96 0.96
CA THR A 178 4.95 -5.10 0.76
C THR A 178 4.58 -6.58 0.75
N VAL A 179 3.46 -6.88 1.39
CA VAL A 179 2.96 -8.25 1.52
C VAL A 179 1.63 -8.41 0.79
N HIS A 180 1.44 -9.58 0.19
CA HIS A 180 0.16 -9.93 -0.37
C HIS A 180 -0.11 -11.38 -0.06
N ILE A 181 -1.32 -11.82 -0.38
CA ILE A 181 -1.68 -13.23 -0.30
C ILE A 181 -1.85 -13.82 -1.68
N ASN A 182 -1.35 -15.04 -1.86
CA ASN A 182 -1.55 -15.77 -3.08
C ASN A 182 -2.97 -16.29 -3.11
N SER A 183 -3.41 -16.71 -4.30
CA SER A 183 -4.76 -17.26 -4.47
C SER A 183 -4.96 -18.63 -3.80
N ASP A 184 -3.89 -19.23 -3.28
CA ASP A 184 -3.94 -20.45 -2.47
C ASP A 184 -3.73 -20.17 -0.98
N GLY A 185 -3.77 -18.89 -0.57
CA GLY A 185 -3.71 -18.51 0.83
C GLY A 185 -2.34 -18.28 1.44
N ARG A 186 -1.27 -18.38 0.64
CA ARG A 186 0.08 -18.23 1.15
C ARG A 186 0.52 -16.78 1.03
N LEU A 187 0.96 -16.21 2.14
CA LEU A 187 1.49 -14.85 2.14
C LEU A 187 2.81 -14.79 1.40
N GLU A 188 3.09 -13.65 0.80
CA GLU A 188 4.33 -13.45 0.05
C GLU A 188 4.76 -12.00 0.18
N VAL A 189 6.04 -11.78 0.48
CA VAL A 189 6.55 -10.46 0.76
C VAL A 189 7.58 -10.08 -0.29
N PHE A 190 7.54 -8.82 -0.70
CA PHE A 190 8.40 -8.26 -1.77
C PHE A 190 9.16 -7.06 -1.22
N ALA A 191 10.44 -6.96 -1.58
CA ALA A 191 11.25 -5.81 -1.18
C ALA A 191 12.46 -5.66 -2.10
N ARG A 192 12.95 -4.44 -2.21
CA ARG A 192 14.17 -4.20 -2.95
C ARG A 192 15.34 -4.72 -2.11
N GLY A 193 16.33 -5.30 -2.78
CA GLY A 193 17.54 -5.81 -2.14
C GLY A 193 18.70 -4.83 -2.25
N THR A 194 19.85 -5.20 -1.70
CA THR A 194 21.03 -4.30 -1.68
C THR A 194 21.53 -3.98 -3.09
N ASP A 195 21.38 -4.96 -3.98
CA ASP A 195 21.69 -4.82 -5.41
C ASP A 195 20.61 -4.10 -6.25
N ASN A 196 19.61 -3.52 -5.59
CA ASN A 196 18.46 -2.87 -6.21
C ASN A 196 17.53 -3.75 -7.06
N ALA A 197 17.72 -5.06 -7.00
CA ALA A 197 16.80 -5.99 -7.61
C ALA A 197 15.57 -6.15 -6.71
N LEU A 198 14.49 -6.68 -7.28
CA LEU A 198 13.31 -7.03 -6.52
C LEU A 198 13.51 -8.42 -5.96
N TRP A 199 13.33 -8.57 -4.64
CA TRP A 199 13.41 -9.87 -3.98
C TRP A 199 12.07 -10.24 -3.38
N HIS A 200 11.87 -11.53 -3.15
CA HIS A 200 10.66 -12.03 -2.50
C HIS A 200 10.87 -13.31 -1.71
N ILE A 201 9.92 -13.56 -0.84
CA ILE A 201 9.91 -14.70 0.04
C ILE A 201 8.44 -15.03 0.30
N TRP A 202 8.13 -16.32 0.46
CA TRP A 202 6.74 -16.75 0.65
C TRP A 202 6.54 -17.84 1.69
N GLN A 203 5.32 -17.87 2.25
CA GLN A 203 4.88 -18.98 3.09
C GLN A 203 4.83 -20.21 2.21
N THR A 204 5.22 -21.36 2.74
CA THR A 204 5.07 -22.60 1.99
C THR A 204 3.75 -23.28 2.33
N ALA A 205 2.99 -22.73 3.28
CA ALA A 205 1.63 -23.20 3.60
C ALA A 205 0.85 -22.04 4.21
N PRO A 206 -0.47 -21.94 3.96
CA PRO A 206 -1.23 -20.88 4.63
C PRO A 206 -1.08 -20.93 6.14
N ASP A 207 -1.14 -19.76 6.78
CA ASP A 207 -1.18 -19.62 8.24
C ASP A 207 0.08 -20.07 8.96
N SER A 208 1.14 -20.39 8.24
CA SER A 208 2.24 -21.13 8.83
C SER A 208 3.40 -20.20 9.17
N ASN A 209 4.36 -20.73 9.93
CA ASN A 209 5.67 -20.11 10.11
C ASN A 209 6.75 -20.81 9.25
N LEU A 210 6.35 -21.46 8.16
CA LEU A 210 7.26 -22.13 7.24
C LEU A 210 7.37 -21.23 6.03
N TRP A 211 8.57 -20.69 5.80
CA TRP A 211 8.80 -19.78 4.69
C TRP A 211 9.87 -20.33 3.77
N SER A 212 9.84 -19.86 2.54
CA SER A 212 10.85 -20.18 1.55
C SER A 212 12.11 -19.40 1.86
N SER A 213 13.14 -19.60 1.03
CA SER A 213 14.30 -18.73 1.03
C SER A 213 13.92 -17.47 0.27
N TRP A 214 14.70 -16.41 0.48
CA TRP A 214 14.60 -15.23 -0.37
C TRP A 214 15.09 -15.60 -1.74
N GLU A 215 14.38 -15.16 -2.77
CA GLU A 215 14.82 -15.33 -4.18
C GLU A 215 14.72 -14.02 -4.90
N SER A 216 15.62 -13.80 -5.85
CA SER A 216 15.66 -12.56 -6.61
C SER A 216 14.79 -12.68 -7.81
N LEU A 217 14.03 -11.63 -8.06
CA LEU A 217 13.32 -11.46 -9.33
C LEU A 217 14.07 -10.52 -10.27
N ASN A 218 15.32 -10.20 -9.94
CA ASN A 218 16.19 -9.37 -10.78
C ASN A 218 15.61 -7.95 -10.97
N GLY A 219 15.94 -7.31 -12.09
CA GLY A 219 15.55 -5.92 -12.35
C GLY A 219 16.38 -4.95 -11.55
N ILE A 220 16.15 -3.67 -11.81
CA ILE A 220 16.74 -2.57 -11.05
C ILE A 220 15.60 -1.64 -10.74
N ILE A 221 15.22 -1.52 -9.47
CA ILE A 221 14.06 -0.69 -9.13
C ILE A 221 14.43 0.50 -8.25
N THR A 222 13.73 1.61 -8.52
CA THR A 222 14.02 2.91 -7.92
C THR A 222 12.78 3.48 -7.20
N SER A 223 11.85 2.60 -6.84
CA SER A 223 10.73 2.92 -5.96
C SER A 223 10.48 1.72 -5.08
N ASP A 224 9.68 1.93 -4.04
CA ASP A 224 9.07 0.81 -3.34
C ASP A 224 8.28 0.01 -4.38
N PRO A 225 8.24 -1.32 -4.23
CA PRO A 225 7.34 -2.11 -5.06
C PRO A 225 5.87 -2.03 -4.61
N VAL A 226 4.97 -2.25 -5.56
CA VAL A 226 3.54 -2.36 -5.31
C VAL A 226 3.12 -3.73 -5.84
N VAL A 227 2.31 -4.46 -5.07
CA VAL A 227 1.84 -5.78 -5.48
C VAL A 227 0.32 -5.84 -5.42
N ILE A 228 -0.27 -6.55 -6.37
CA ILE A 228 -1.72 -6.73 -6.43
C ILE A 228 -2.01 -8.11 -6.98
N ASP A 229 -3.19 -8.64 -6.65
CA ASP A 229 -3.66 -9.89 -7.21
C ASP A 229 -4.53 -9.59 -8.42
N THR A 230 -4.28 -10.31 -9.51
CA THR A 230 -5.09 -10.22 -10.72
C THR A 230 -6.38 -11.02 -10.55
N ALA A 231 -7.36 -10.74 -11.40
CA ALA A 231 -8.61 -11.52 -11.44
C ALA A 231 -8.36 -13.01 -11.57
N ASP A 232 -7.29 -13.39 -12.26
CA ASP A 232 -6.97 -14.80 -12.45
C ASP A 232 -5.99 -15.38 -11.44
N GLY A 233 -5.85 -14.73 -10.28
CA GLY A 233 -5.15 -15.32 -9.15
C GLY A 233 -3.63 -15.35 -9.22
N ARG A 234 -3.05 -14.36 -9.88
CA ARG A 234 -1.59 -14.24 -9.99
C ARG A 234 -1.18 -12.97 -9.26
N LEU A 235 -0.04 -12.99 -8.58
CA LEU A 235 0.55 -11.76 -8.06
C LEU A 235 1.27 -11.03 -9.20
N GLU A 236 1.09 -9.71 -9.27
CA GLU A 236 1.73 -8.84 -10.25
C GLU A 236 2.32 -7.68 -9.48
N VAL A 237 3.59 -7.40 -9.73
CA VAL A 237 4.34 -6.40 -8.98
C VAL A 237 4.75 -5.28 -9.91
N PHE A 238 4.63 -4.05 -9.42
CA PHE A 238 4.94 -2.83 -10.17
C PHE A 238 6.02 -2.05 -9.42
N ALA A 239 6.92 -1.42 -10.18
CA ALA A 239 7.91 -0.53 -9.60
C ALA A 239 8.55 0.33 -10.66
N ARG A 240 9.01 1.50 -10.25
CA ARG A 240 9.75 2.37 -11.13
C ARG A 240 11.10 1.73 -11.42
N GLY A 241 11.55 1.85 -12.65
CA GLY A 241 12.82 1.29 -13.05
C GLY A 241 13.95 2.29 -13.01
N ALA A 242 15.14 1.81 -13.36
CA ALA A 242 16.33 2.63 -13.44
C ALA A 242 16.19 3.73 -14.49
N ASP A 243 15.44 3.46 -15.55
CA ASP A 243 15.12 4.47 -16.57
C ASP A 243 13.93 5.40 -16.24
N ASN A 244 13.43 5.33 -15.00
CA ASN A 244 12.20 6.03 -14.57
C ASN A 244 10.91 5.71 -15.31
N ALA A 245 10.91 4.63 -16.09
CA ALA A 245 9.67 4.07 -16.59
C ALA A 245 9.02 3.27 -15.47
N LEU A 246 7.73 2.99 -15.65
CA LEU A 246 7.03 2.02 -14.81
C LEU A 246 7.27 0.64 -15.40
N TRP A 247 7.73 -0.30 -14.57
CA TRP A 247 7.89 -1.69 -14.97
C TRP A 247 6.99 -2.60 -14.13
N HIS A 248 6.74 -3.79 -14.67
CA HIS A 248 6.01 -4.81 -13.95
C HIS A 248 6.43 -6.23 -14.31
N ILE A 249 6.04 -7.14 -13.44
CA ILE A 249 6.47 -8.55 -13.49
C ILE A 249 5.39 -9.34 -12.73
N TRP A 250 5.13 -10.57 -13.16
CA TRP A 250 4.02 -11.34 -12.59
C TRP A 250 4.27 -12.83 -12.57
N GLN A 251 3.58 -13.51 -11.66
CA GLN A 251 3.47 -14.96 -11.66
C GLN A 251 2.81 -15.40 -12.97
N THR A 252 3.39 -16.38 -13.68
CA THR A 252 2.80 -16.84 -14.97
C THR A 252 1.74 -17.92 -14.80
N ILE A 253 1.68 -18.51 -13.63
CA ILE A 253 0.71 -19.54 -13.30
C ILE A 253 0.04 -19.05 -12.01
N SER A 254 -1.21 -19.43 -11.80
CA SER A 254 -1.94 -19.01 -10.59
C SER A 254 -1.17 -19.45 -9.34
N HIS A 255 -0.94 -18.51 -8.41
CA HIS A 255 -0.15 -18.73 -7.17
C HIS A 255 1.15 -19.52 -7.36
N SER A 256 1.86 -19.26 -8.45
CA SER A 256 3.06 -20.05 -8.75
C SER A 256 4.03 -19.38 -9.70
N GLY A 257 5.31 -19.71 -9.51
CA GLY A 257 6.32 -19.50 -10.54
C GLY A 257 6.09 -20.40 -11.75
N PRO A 258 6.88 -20.22 -12.81
CA PRO A 258 7.89 -19.14 -12.91
C PRO A 258 7.30 -17.74 -13.08
N TRP A 259 8.09 -16.71 -12.82
CA TRP A 259 7.64 -15.34 -13.07
C TRP A 259 7.92 -14.97 -14.52
N SER A 260 7.22 -13.96 -15.00
CA SER A 260 7.44 -13.38 -16.31
C SER A 260 8.79 -12.68 -16.29
N GLY A 261 9.29 -12.27 -17.44
CA GLY A 261 10.38 -11.28 -17.40
C GLY A 261 9.82 -9.96 -16.86
N TRP A 262 10.69 -9.05 -16.42
CA TRP A 262 10.29 -7.65 -16.26
C TRP A 262 9.85 -7.08 -17.61
N GLN A 263 8.74 -6.36 -17.62
CA GLN A 263 8.22 -5.73 -18.83
C GLN A 263 7.94 -4.27 -18.54
N SER A 264 8.28 -3.41 -19.50
CA SER A 264 8.06 -1.98 -19.31
C SER A 264 6.66 -1.56 -19.69
N LEU A 265 6.08 -0.69 -18.86
CA LEU A 265 4.88 0.05 -19.17
C LEU A 265 5.17 1.49 -19.60
N ASN A 266 6.44 1.79 -19.87
CA ASN A 266 6.87 3.10 -20.38
C ASN A 266 6.53 4.20 -19.37
N GLY A 267 6.31 5.43 -19.85
CA GLY A 267 6.12 6.59 -18.98
C GLY A 267 7.44 7.10 -18.43
N VAL A 268 7.41 8.31 -17.88
CA VAL A 268 8.50 8.88 -17.12
C VAL A 268 7.89 9.40 -15.84
N ILE A 269 8.21 8.75 -14.72
CA ILE A 269 7.51 9.02 -13.48
C ILE A 269 8.47 9.49 -12.41
N THR A 270 7.97 10.42 -11.60
CA THR A 270 8.72 11.11 -10.58
C THR A 270 8.14 10.86 -9.18
N SER A 271 7.38 9.78 -9.02
CA SER A 271 6.93 9.31 -7.72
C SER A 271 6.82 7.81 -7.82
N ALA A 272 6.57 7.17 -6.67
CA ALA A 272 6.16 5.78 -6.65
C ALA A 272 4.88 5.64 -7.45
N PRO A 273 4.65 4.47 -8.06
CA PRO A 273 3.38 4.18 -8.72
C PRO A 273 2.36 3.66 -7.71
N ALA A 274 1.08 3.81 -8.03
CA ALA A 274 0.00 3.23 -7.27
C ALA A 274 -0.83 2.45 -8.24
N VAL A 275 -1.39 1.34 -7.79
CA VAL A 275 -2.18 0.48 -8.68
C VAL A 275 -3.48 0.11 -8.00
N ALA A 276 -4.55 0.04 -8.79
CA ALA A 276 -5.83 -0.47 -8.32
C ALA A 276 -6.52 -1.22 -9.44
N LYS A 277 -7.59 -1.95 -9.10
CA LYS A 277 -8.40 -2.68 -10.07
C LYS A 277 -9.69 -1.94 -10.28
N ASN A 278 -10.03 -1.72 -11.54
CA ASN A 278 -11.36 -1.27 -11.91
C ASN A 278 -12.37 -2.34 -11.55
N CYS A 279 -13.66 -2.03 -11.63
CA CYS A 279 -14.63 -3.02 -11.13
C CYS A 279 -14.77 -4.22 -12.08
N ASP A 280 -14.37 -4.06 -13.35
CA ASP A 280 -14.21 -5.22 -14.28
C ASP A 280 -12.84 -5.91 -14.20
N ASN A 281 -12.07 -5.62 -13.14
CA ASN A 281 -10.72 -6.16 -12.88
C ASN A 281 -9.57 -5.65 -13.75
N ARG A 282 -9.83 -4.76 -14.71
CA ARG A 282 -8.74 -4.10 -15.43
C ARG A 282 -7.85 -3.34 -14.44
N LEU A 283 -6.57 -3.67 -14.42
CA LEU A 283 -5.60 -2.92 -13.65
C LEU A 283 -5.36 -1.51 -14.20
N GLU A 284 -5.10 -0.57 -13.30
CA GLU A 284 -4.82 0.81 -13.66
C GLU A 284 -3.73 1.31 -12.75
N ALA A 285 -2.70 1.91 -13.35
CA ALA A 285 -1.53 2.42 -12.63
C ALA A 285 -1.50 3.96 -12.68
N PHE A 286 -1.05 4.56 -11.59
CA PHE A 286 -1.04 6.00 -11.41
C PHE A 286 0.34 6.41 -10.91
N ALA A 287 0.82 7.55 -11.37
CA ALA A 287 2.10 8.10 -10.85
C ALA A 287 2.21 9.57 -11.21
N ARG A 288 3.08 10.28 -10.50
CA ARG A 288 3.36 11.64 -10.86
C ARG A 288 4.25 11.64 -12.09
N GLY A 289 4.04 12.59 -12.98
CA GLY A 289 4.85 12.74 -14.19
C GLY A 289 5.93 13.80 -14.05
N THR A 290 6.68 14.01 -15.12
CA THR A 290 7.76 15.03 -15.13
C THR A 290 7.20 16.44 -14.98
N ASP A 291 5.97 16.68 -15.46
CA ASP A 291 5.27 17.96 -15.27
C ASP A 291 4.56 18.11 -13.90
N ASN A 292 4.80 17.19 -12.96
CA ASN A 292 4.14 17.14 -11.64
C ASN A 292 2.62 16.97 -11.66
N ALA A 293 2.07 16.58 -12.80
CA ALA A 293 0.66 16.20 -12.91
C ALA A 293 0.53 14.74 -12.57
N LEU A 294 -0.69 14.32 -12.28
CA LEU A 294 -1.01 12.91 -12.12
C LEU A 294 -1.17 12.32 -13.50
N TRP A 295 -0.48 11.22 -13.76
CA TRP A 295 -0.66 10.46 -14.99
C TRP A 295 -1.14 9.04 -14.67
N HIS A 296 -1.75 8.39 -15.66
CA HIS A 296 -2.22 7.02 -15.53
C HIS A 296 -2.21 6.23 -16.84
N THR A 297 -2.13 4.92 -16.69
CA THR A 297 -2.16 3.95 -17.79
C THR A 297 -3.00 2.78 -17.26
N TRP A 298 -3.77 2.14 -18.14
CA TRP A 298 -4.72 1.11 -17.74
C TRP A 298 -4.79 0.02 -18.76
N GLN A 299 -5.14 -1.17 -18.32
CA GLN A 299 -5.48 -2.26 -19.22
C GLN A 299 -6.74 -1.89 -19.97
N THR A 300 -6.75 -2.19 -21.28
CA THR A 300 -7.91 -1.92 -22.12
C THR A 300 -8.63 -3.23 -22.43
N VAL A 301 -9.93 -3.13 -22.65
CA VAL A 301 -10.79 -4.24 -23.08
C VAL A 301 -11.14 -5.22 -21.97
N SER A 302 -10.14 -5.81 -21.32
CA SER A 302 -10.37 -6.71 -20.20
C SER A 302 -9.13 -6.79 -19.32
N HIS A 303 -9.25 -7.52 -18.23
CA HIS A 303 -8.10 -7.79 -17.35
C HIS A 303 -6.92 -8.58 -17.98
N SER A 304 -7.07 -9.09 -19.22
CA SER A 304 -5.92 -9.69 -19.92
CA SER A 304 -5.96 -9.71 -19.96
C SER A 304 -5.51 -8.83 -21.11
N GLY A 305 -6.06 -7.61 -21.21
CA GLY A 305 -5.87 -6.77 -22.40
C GLY A 305 -4.66 -5.88 -22.35
N PRO A 306 -4.28 -5.27 -23.50
CA PRO A 306 -3.08 -4.45 -23.54
C PRO A 306 -3.21 -3.12 -22.80
N TRP A 307 -2.09 -2.58 -22.33
CA TRP A 307 -2.11 -1.34 -21.59
C TRP A 307 -2.18 -0.13 -22.51
N SER A 308 -2.95 0.87 -22.08
CA SER A 308 -3.09 2.14 -22.77
C SER A 308 -1.79 2.96 -22.74
N SER A 309 -1.72 4.01 -23.54
CA SER A 309 -0.66 4.99 -23.36
C SER A 309 -0.93 5.73 -22.06
N TRP A 310 0.12 6.34 -21.53
CA TRP A 310 -0.01 7.22 -20.37
C TRP A 310 -0.75 8.48 -20.77
N GLN A 311 -1.70 8.89 -19.92
CA GLN A 311 -2.57 10.04 -20.17
C GLN A 311 -2.65 10.83 -18.87
N SER A 312 -2.88 12.13 -19.00
CA SER A 312 -2.82 13.02 -17.85
C SER A 312 -4.16 13.23 -17.17
N LEU A 313 -4.13 13.30 -15.84
CA LEU A 313 -5.28 13.70 -15.02
C LEU A 313 -5.04 15.06 -14.36
N ASN A 314 -4.05 15.80 -14.87
CA ASN A 314 -3.77 17.15 -14.41
C ASN A 314 -3.38 17.19 -12.93
N GLY A 315 -3.62 18.31 -12.25
CA GLY A 315 -3.20 18.49 -10.87
C GLY A 315 -1.75 18.93 -10.81
N VAL A 316 -1.36 19.40 -9.63
CA VAL A 316 0.04 19.67 -9.32
C VAL A 316 0.27 19.01 -7.97
N ILE A 317 1.02 17.91 -7.98
CA ILE A 317 1.05 17.05 -6.81
C ILE A 317 2.45 16.91 -6.22
N THR A 318 2.47 16.73 -4.90
CA THR A 318 3.70 16.74 -4.12
C THR A 318 3.85 15.43 -3.34
N SER A 319 3.24 14.36 -3.86
CA SER A 319 3.40 13.02 -3.34
C SER A 319 3.12 12.05 -4.47
N ALA A 320 3.36 10.76 -4.24
CA ALA A 320 2.76 9.76 -5.11
C ALA A 320 1.25 9.83 -4.93
N PRO A 321 0.49 9.37 -5.94
CA PRO A 321 -0.95 9.22 -5.78
C PRO A 321 -1.30 7.95 -5.01
N THR A 322 -2.49 7.91 -4.42
CA THR A 322 -3.04 6.74 -3.75
C THR A 322 -4.41 6.46 -4.38
N ALA A 323 -4.60 5.22 -4.85
CA ALA A 323 -5.77 4.86 -5.66
C ALA A 323 -6.57 3.78 -4.95
N VAL A 324 -7.89 3.87 -5.03
CA VAL A 324 -8.78 2.89 -4.42
C VAL A 324 -10.09 2.85 -5.18
N ARG A 325 -10.70 1.67 -5.25
CA ARG A 325 -12.01 1.53 -5.84
C ARG A 325 -13.07 1.72 -4.76
N ASP A 326 -14.02 2.60 -5.02
CA ASP A 326 -15.05 2.96 -4.04
C ASP A 326 -16.26 2.02 -4.18
N ALA A 327 -17.30 2.29 -3.39
CA ALA A 327 -18.46 1.41 -3.31
C ALA A 327 -19.39 1.50 -4.53
N ASP A 328 -19.16 2.49 -5.39
CA ASP A 328 -19.81 2.56 -6.70
C ASP A 328 -18.94 1.92 -7.82
N GLY A 329 -17.88 1.21 -7.45
CA GLY A 329 -16.97 0.63 -8.42
C GLY A 329 -16.16 1.63 -9.23
N ARG A 330 -16.02 2.86 -8.72
CA ARG A 330 -15.20 3.85 -9.39
C ARG A 330 -13.87 4.04 -8.67
N LEU A 331 -12.81 4.26 -9.42
CA LEU A 331 -11.52 4.62 -8.83
C LEU A 331 -11.53 6.09 -8.38
N GLU A 332 -11.01 6.29 -7.18
CA GLU A 332 -10.75 7.60 -6.61
C GLU A 332 -9.26 7.65 -6.31
N VAL A 333 -8.66 8.82 -6.57
CA VAL A 333 -7.22 9.02 -6.39
C VAL A 333 -6.97 10.26 -5.54
N PHE A 334 -6.09 10.07 -4.55
CA PHE A 334 -5.74 11.06 -3.56
C PHE A 334 -4.27 11.41 -3.78
N ALA A 335 -3.92 12.67 -3.59
CA ALA A 335 -2.52 13.09 -3.73
C ALA A 335 -2.32 14.39 -3.00
N ARG A 336 -1.13 14.60 -2.46
CA ARG A 336 -0.86 15.86 -1.78
C ARG A 336 -0.69 16.95 -2.83
N GLY A 337 -1.19 18.14 -2.52
CA GLY A 337 -1.07 19.31 -3.40
C GLY A 337 0.10 20.20 -3.01
N THR A 338 0.28 21.27 -3.78
CA THR A 338 1.38 22.21 -3.52
C THR A 338 1.17 22.91 -2.20
N ASP A 339 -0.10 23.06 -1.78
CA ASP A 339 -0.46 23.63 -0.47
C ASP A 339 -0.36 22.65 0.72
N ASN A 340 0.10 21.43 0.45
CA ASN A 340 0.15 20.34 1.43
C ASN A 340 -1.15 19.75 1.93
N ALA A 341 -2.26 20.15 1.33
CA ALA A 341 -3.53 19.52 1.61
C ALA A 341 -3.65 18.29 0.74
N LEU A 342 -4.60 17.44 1.10
CA LEU A 342 -4.89 16.25 0.31
C LEU A 342 -5.95 16.61 -0.70
N TRP A 343 -5.67 16.35 -1.97
CA TRP A 343 -6.64 16.58 -3.04
C TRP A 343 -7.13 15.26 -3.60
N LEU A 344 -8.26 15.33 -4.31
CA LEU A 344 -9.01 14.14 -4.71
C LEU A 344 -9.67 14.31 -6.10
N THR A 345 -9.50 13.31 -6.95
CA THR A 345 -10.17 13.21 -8.25
C THR A 345 -10.68 11.77 -8.43
N TRP A 346 -11.79 11.59 -9.16
CA TRP A 346 -12.38 10.27 -9.35
C TRP A 346 -12.95 10.08 -10.76
N GLN A 347 -13.13 8.82 -11.15
CA GLN A 347 -13.70 8.49 -12.45
C GLN A 347 -15.17 8.93 -12.55
N THR A 348 -15.54 9.42 -13.71
CA THR A 348 -16.92 9.70 -14.06
C THR A 348 -17.25 8.87 -15.27
N ALA A 349 -18.50 8.91 -15.72
CA ALA A 349 -18.89 8.18 -16.93
C ALA A 349 -17.98 8.59 -18.08
N SER A 350 -17.88 9.89 -18.30
CA SER A 350 -17.14 10.46 -19.43
C SER A 350 -15.61 10.48 -19.25
N SER A 351 -15.15 10.83 -18.05
CA SER A 351 -13.80 11.36 -17.87
C SER A 351 -13.37 11.15 -16.41
N TRP A 352 -12.72 12.15 -15.82
CA TRP A 352 -12.48 12.19 -14.39
C TRP A 352 -12.95 13.53 -13.86
N SER A 353 -13.20 13.60 -12.57
CA SER A 353 -13.69 14.82 -11.98
C SER A 353 -12.55 15.83 -11.79
N PRO A 354 -12.89 17.12 -11.65
CA PRO A 354 -11.82 18.07 -11.34
C PRO A 354 -11.32 17.81 -9.95
N TRP A 355 -10.05 18.12 -9.71
CA TRP A 355 -9.48 17.93 -8.38
C TRP A 355 -10.23 18.78 -7.36
N ILE A 356 -10.59 18.17 -6.24
CA ILE A 356 -11.15 18.91 -5.10
C ILE A 356 -10.26 18.73 -3.89
N SER A 357 -10.30 19.68 -2.97
CA SER A 357 -9.45 19.67 -1.78
C SER A 357 -10.18 19.12 -0.58
N LEU A 358 -9.54 18.17 0.10
CA LEU A 358 -10.00 17.72 1.41
C LEU A 358 -9.28 18.43 2.55
N GLY A 359 -8.52 19.50 2.27
CA GLY A 359 -7.79 20.19 3.33
C GLY A 359 -6.75 19.34 4.04
N GLY A 360 -6.47 19.70 5.29
CA GLY A 360 -5.38 19.14 6.05
C GLY A 360 -4.03 19.68 5.65
N VAL A 361 -3.02 19.39 6.46
CA VAL A 361 -1.64 19.68 6.13
C VAL A 361 -0.87 18.41 6.46
N LEU A 362 -0.46 17.70 5.41
CA LEU A 362 0.09 16.38 5.53
C LEU A 362 1.59 16.36 5.24
N ILE A 363 2.29 15.44 5.88
CA ILE A 363 3.71 15.20 5.63
C ILE A 363 3.94 13.80 5.11
N ASP A 364 5.12 13.60 4.50
CA ASP A 364 5.62 12.28 4.16
C ASP A 364 6.42 11.80 5.36
N ALA A 365 5.86 10.85 6.09
CA ALA A 365 6.46 10.31 7.28
C ALA A 365 7.12 8.95 7.01
N SER A 366 7.29 8.58 5.74
CA SER A 366 7.88 7.27 5.41
C SER A 366 9.17 7.04 6.15
N ALA A 367 9.30 5.84 6.73
CA ALA A 367 10.51 5.48 7.47
C ALA A 367 11.70 5.28 6.54
N ILE A 368 11.44 5.04 5.26
CA ILE A 368 12.46 4.93 4.20
C ILE A 368 12.10 5.95 3.12
N LYS A 369 13.07 6.82 2.79
CA LYS A 369 12.93 7.81 1.72
C LYS A 369 14.10 7.73 0.75
#